data_3V7S
#
_entry.id   3V7S
#
_cell.length_a   93.500
_cell.length_b   93.500
_cell.length_c   130.410
_cell.angle_alpha   90.00
_cell.angle_beta   90.00
_cell.angle_gamma   90.00
#
_symmetry.space_group_name_H-M   'P 42 21 2'
#
loop_
_entity.id
_entity.type
_entity.pdbx_description
1 polymer 'Biotin ligase'
2 non-polymer 5-methyl-3-[4-(4-{5-[(3aS,4S,6aR)-2-oxohexahydro-1H-thieno[3,4-d]imidazol-4-yl]pentyl}-1H-1,2,3-triazol-1-yl)butyl]-1,3-benzoxazol-2(3H)-one
3 water water
#
_entity_poly.entity_id   1
_entity_poly.type   'polypeptide(L)'
_entity_poly.pdbx_seq_one_letter_code
;MSKYSQDVLQLLYKNKPNYISGQSIAESLNISRTAVKKVIDQLKLEGCKIDSVNHKGHLLQQLPDIWYQGIIDQYTKSSA
LFDFSEVYDSIDSTQLAAKKSLVGNQSSFFILSDEQTKGRGRFNRHWSSSKGQGLWMSVVLRPNVAFSMISKFNLFIALG
IRDAIQHFSQDEVKVKWPNDIYIDNGKVCGFLTEMVANNDGIEAIICGIGINLTQQLENFDESIRHRATSIQLHDKNKLD
RYQFLERLLQEIEKRYNQFLTLPFSEIREEYIAASNIWNRTLLFTENDKQFKGQAIDLDYDGYLIVRDEAGESHRLISAD
IDFHHHHHH
;
_entity_poly.pdbx_strand_id   A
#
loop_
_chem_comp.id
_chem_comp.type
_chem_comp.name
_chem_comp.formula
36F non-polymer 5-methyl-3-[4-(4-{5-[(3aS,4S,6aR)-2-oxohexahydro-1H-thieno[3,4-d]imidazol-4-yl]pentyl}-1H-1,2,3-triazol-1-yl)butyl]-1,3-benzoxazol-2(3H)-one 'C24 H32 N6 O3 S'
#
# COMPACT_ATOMS: atom_id res chain seq x y z
N SER A 2 -11.93 8.97 22.44
CA SER A 2 -12.44 8.08 23.53
C SER A 2 -13.41 7.05 22.94
N LYS A 3 -14.17 6.41 23.83
CA LYS A 3 -14.93 5.18 23.54
C LYS A 3 -15.76 5.29 22.24
N TYR A 4 -16.09 6.51 21.83
CA TYR A 4 -17.11 6.72 20.80
C TYR A 4 -16.66 7.48 19.63
N SER A 5 -15.41 7.94 19.65
CA SER A 5 -14.84 8.70 18.55
C SER A 5 -15.06 8.07 17.18
N GLN A 6 -14.68 6.81 17.02
CA GLN A 6 -14.72 6.20 15.71
C GLN A 6 -16.16 6.13 15.29
N ASP A 7 -17.01 5.99 16.28
CA ASP A 7 -18.40 5.81 15.98
C ASP A 7 -18.98 7.06 15.36
N VAL A 8 -18.72 8.19 15.99
CA VAL A 8 -19.11 9.49 15.48
C VAL A 8 -18.54 9.61 14.07
N LEU A 9 -17.26 9.28 13.94
CA LEU A 9 -16.55 9.39 12.70
C LEU A 9 -17.21 8.59 11.63
N GLN A 10 -17.65 7.38 11.99
CA GLN A 10 -18.28 6.50 11.03
C GLN A 10 -19.51 7.21 10.46
N LEU A 11 -20.30 7.86 11.32
CA LEU A 11 -21.54 8.49 10.89
C LEU A 11 -21.24 9.66 9.97
N LEU A 12 -20.35 10.52 10.44
CA LEU A 12 -19.86 11.63 9.64
C LEU A 12 -19.43 11.17 8.26
N TYR A 13 -18.80 10.02 8.17
CA TYR A 13 -18.33 9.56 6.88
C TYR A 13 -19.49 8.98 6.10
N LYS A 14 -20.23 8.07 6.72
CA LYS A 14 -21.38 7.50 6.07
C LYS A 14 -22.28 8.54 5.41
N ASN A 15 -22.50 9.67 6.08
CA ASN A 15 -23.56 10.61 5.71
C ASN A 15 -23.30 11.63 4.61
N LYS A 16 -22.04 11.71 4.21
CA LYS A 16 -21.62 12.64 3.19
C LYS A 16 -22.45 12.56 1.90
N PRO A 17 -22.62 13.69 1.17
CA PRO A 17 -22.18 15.08 1.42
C PRO A 17 -23.20 15.83 2.22
N ASN A 18 -23.79 15.13 3.17
CA ASN A 18 -24.84 15.64 4.02
C ASN A 18 -24.40 15.94 5.43
N TYR A 19 -24.91 17.06 5.96
CA TYR A 19 -24.81 17.41 7.38
C TYR A 19 -25.68 16.51 8.27
N ILE A 20 -25.24 16.15 9.47
CA ILE A 20 -26.07 15.41 10.44
C ILE A 20 -26.03 16.15 11.74
N SER A 21 -27.18 16.18 12.43
CA SER A 21 -27.29 16.91 13.69
C SER A 21 -26.62 16.20 14.86
N GLY A 22 -26.13 17.00 15.80
CA GLY A 22 -25.59 16.46 17.04
C GLY A 22 -26.63 15.51 17.59
N GLN A 23 -27.87 15.98 17.61
CA GLN A 23 -28.99 15.19 18.10
C GLN A 23 -28.93 13.81 17.46
N SER A 24 -29.07 13.75 16.14
CA SER A 24 -29.16 12.50 15.39
C SER A 24 -28.06 11.51 15.75
N ILE A 25 -26.86 12.05 15.92
CA ILE A 25 -25.72 11.25 16.27
C ILE A 25 -25.97 10.70 17.64
N ALA A 26 -26.29 11.59 18.56
CA ALA A 26 -26.58 11.23 19.94
C ALA A 26 -27.59 10.09 20.11
N GLU A 27 -28.55 9.98 19.22
CA GLU A 27 -29.50 8.89 19.31
C GLU A 27 -29.01 7.60 18.64
N SER A 28 -28.12 7.73 17.65
CA SER A 28 -27.56 6.52 17.04
C SER A 28 -26.76 5.83 18.08
N LEU A 29 -25.86 6.58 18.70
CA LEU A 29 -24.90 6.02 19.62
C LEU A 29 -25.39 6.09 21.07
N ASN A 30 -26.70 6.31 21.24
CA ASN A 30 -27.28 6.39 22.57
C ASN A 30 -26.42 7.10 23.62
N ILE A 31 -25.95 8.29 23.31
CA ILE A 31 -25.22 9.07 24.30
C ILE A 31 -25.73 10.48 24.30
N SER A 32 -25.30 11.26 25.29
CA SER A 32 -25.75 12.63 25.50
C SER A 32 -25.36 13.58 24.38
N ARG A 33 -26.22 14.56 24.16
CA ARG A 33 -25.99 15.58 23.17
C ARG A 33 -24.69 16.35 23.47
N THR A 34 -24.37 16.54 24.73
CA THR A 34 -23.23 17.39 25.04
C THR A 34 -21.90 16.57 24.99
N ALA A 35 -22.05 15.24 25.04
CA ALA A 35 -20.95 14.30 24.80
C ALA A 35 -20.49 14.39 23.36
N VAL A 36 -21.47 14.39 22.45
CA VAL A 36 -21.23 14.48 21.03
C VAL A 36 -20.47 15.75 20.76
N LYS A 37 -20.92 16.90 21.29
CA LYS A 37 -20.17 18.18 21.11
C LYS A 37 -18.71 17.97 21.58
N LYS A 38 -18.58 17.25 22.68
CA LYS A 38 -17.29 16.99 23.28
C LYS A 38 -16.40 16.10 22.42
N VAL A 39 -17.00 15.09 21.77
CA VAL A 39 -16.29 14.14 20.87
C VAL A 39 -15.95 14.78 19.54
N ILE A 40 -16.74 15.77 19.15
CA ILE A 40 -16.46 16.45 17.93
C ILE A 40 -15.25 17.34 18.11
N ASP A 41 -15.27 18.20 19.15
CA ASP A 41 -14.22 19.23 19.35
C ASP A 41 -12.83 18.64 19.35
N GLN A 42 -12.71 17.44 19.90
CA GLN A 42 -11.49 16.60 19.93
C GLN A 42 -11.04 16.20 18.53
N LEU A 43 -11.93 15.58 17.77
CA LEU A 43 -11.67 15.32 16.36
C LEU A 43 -11.18 16.56 15.62
N LYS A 44 -11.80 17.69 15.89
CA LYS A 44 -11.43 18.90 15.21
C LYS A 44 -10.01 19.21 15.65
N LEU A 45 -9.76 19.14 16.95
CA LEU A 45 -8.42 19.43 17.46
C LEU A 45 -7.41 18.45 16.86
N GLU A 46 -7.81 17.18 16.72
CA GLU A 46 -6.98 16.16 16.10
C GLU A 46 -6.77 16.40 14.61
N GLY A 47 -7.15 17.59 14.14
CA GLY A 47 -6.92 17.96 12.76
C GLY A 47 -7.95 17.45 11.76
N CYS A 48 -9.14 17.08 12.24
CA CYS A 48 -10.28 16.86 11.32
C CYS A 48 -10.85 18.19 10.89
N LYS A 49 -11.25 18.25 9.63
CA LYS A 49 -12.00 19.39 9.19
C LYS A 49 -13.45 18.97 8.96
N ILE A 50 -14.26 19.37 9.94
CA ILE A 50 -15.71 19.27 9.95
C ILE A 50 -16.35 20.66 10.04
N ASP A 51 -17.40 20.86 9.24
CA ASP A 51 -18.22 22.07 9.26
C ASP A 51 -19.38 21.87 10.24
N SER A 52 -19.45 22.70 11.27
CA SER A 52 -20.57 22.69 12.17
C SER A 52 -21.45 23.89 11.92
N VAL A 53 -22.72 23.66 11.66
CA VAL A 53 -23.62 24.74 11.29
C VAL A 53 -24.85 24.57 12.10
N ASN A 54 -25.19 25.64 12.79
CA ASN A 54 -26.30 25.66 13.72
C ASN A 54 -27.60 25.31 13.05
N HIS A 55 -28.44 24.60 13.78
CA HIS A 55 -29.72 24.14 13.27
C HIS A 55 -29.53 23.12 12.17
N LYS A 56 -28.30 22.93 11.73
CA LYS A 56 -28.03 22.03 10.63
C LYS A 56 -27.26 20.78 11.04
N GLY A 57 -26.21 20.99 11.85
CA GLY A 57 -25.38 19.90 12.32
C GLY A 57 -24.01 19.93 11.66
N HIS A 58 -23.42 18.74 11.44
CA HIS A 58 -21.99 18.60 11.06
C HIS A 58 -21.69 17.97 9.72
N LEU A 59 -20.65 18.43 9.06
CA LEU A 59 -20.28 17.78 7.81
C LEU A 59 -18.82 17.46 7.80
N LEU A 60 -18.50 16.17 7.63
CA LEU A 60 -17.10 15.79 7.57
C LEU A 60 -16.50 16.25 6.23
N GLN A 61 -15.70 17.30 6.26
CA GLN A 61 -15.15 17.84 5.01
C GLN A 61 -13.90 17.12 4.50
N GLN A 62 -12.87 17.08 5.35
CA GLN A 62 -11.56 16.59 4.97
C GLN A 62 -10.87 15.98 6.19
N LEU A 63 -10.17 14.85 5.98
CA LEU A 63 -9.52 14.07 7.06
C LEU A 63 -7.99 14.27 7.29
N PRO A 64 -7.50 14.07 8.51
CA PRO A 64 -6.07 14.33 8.65
C PRO A 64 -5.24 13.10 8.28
N ASP A 65 -3.92 13.29 8.31
CA ASP A 65 -3.02 12.20 7.95
C ASP A 65 -2.86 11.17 9.08
N ILE A 66 -4.01 10.64 9.47
CA ILE A 66 -4.11 9.64 10.51
C ILE A 66 -5.12 8.62 10.04
N TRP A 67 -4.82 7.35 10.26
CA TRP A 67 -5.78 6.32 9.92
C TRP A 67 -6.75 6.12 11.08
N TYR A 68 -8.04 6.19 10.78
CA TYR A 68 -9.11 5.93 11.73
C TYR A 68 -9.77 4.60 11.39
N GLN A 69 -9.75 3.69 12.37
CA GLN A 69 -10.40 2.41 12.24
C GLN A 69 -11.77 2.63 11.68
N GLY A 70 -12.56 3.41 12.40
CA GLY A 70 -13.96 3.65 12.04
C GLY A 70 -14.21 3.86 10.55
N ILE A 71 -13.42 4.74 9.95
CA ILE A 71 -13.51 4.99 8.51
C ILE A 71 -13.10 3.79 7.71
N ILE A 72 -11.99 3.18 8.10
CA ILE A 72 -11.53 2.05 7.37
C ILE A 72 -12.65 1.03 7.27
N ASP A 73 -13.34 0.76 8.39
CA ASP A 73 -14.46 -0.18 8.43
C ASP A 73 -15.46 0.00 7.31
N GLN A 74 -15.65 1.25 6.92
CA GLN A 74 -16.53 1.60 5.82
C GLN A 74 -16.03 1.04 4.48
N TYR A 75 -14.72 1.11 4.27
CA TYR A 75 -14.07 0.46 3.14
C TYR A 75 -14.24 -1.04 3.23
N THR A 76 -13.97 -1.62 4.39
CA THR A 76 -14.15 -3.07 4.54
C THR A 76 -15.59 -3.57 4.38
N LYS A 77 -16.56 -2.84 4.92
CA LYS A 77 -17.96 -3.27 4.85
C LYS A 77 -18.37 -3.49 3.41
N SER A 78 -18.01 -2.55 2.56
CA SER A 78 -18.54 -2.58 1.22
C SER A 78 -17.44 -2.99 0.27
N SER A 79 -16.98 -4.24 0.39
CA SER A 79 -15.81 -4.71 -0.38
C SER A 79 -15.95 -6.22 -0.61
N ALA A 80 -15.76 -6.68 -1.85
CA ALA A 80 -15.89 -8.13 -2.13
C ALA A 80 -14.76 -8.85 -1.45
N LEU A 81 -13.56 -8.42 -1.85
CA LEU A 81 -12.30 -9.00 -1.46
C LEU A 81 -12.03 -9.17 0.05
N PHE A 82 -12.17 -8.11 0.84
CA PHE A 82 -11.69 -8.17 2.23
C PHE A 82 -12.74 -8.38 3.33
N ASP A 83 -12.48 -9.31 4.24
CA ASP A 83 -13.35 -9.53 5.42
C ASP A 83 -13.28 -8.44 6.50
N PHE A 84 -12.08 -7.95 6.85
CA PHE A 84 -11.90 -6.90 7.88
C PHE A 84 -10.55 -6.27 7.71
N SER A 85 -10.16 -5.44 8.67
CA SER A 85 -8.87 -4.77 8.62
C SER A 85 -8.46 -4.46 10.01
N GLU A 86 -7.15 -4.29 10.23
CA GLU A 86 -6.70 -3.77 11.50
C GLU A 86 -6.00 -2.43 11.23
N VAL A 87 -6.19 -1.46 12.12
CA VAL A 87 -5.57 -0.16 11.94
C VAL A 87 -4.85 0.24 13.22
N TYR A 88 -3.59 0.65 13.11
CA TYR A 88 -2.82 1.07 14.28
C TYR A 88 -2.20 2.41 14.09
N ASP A 89 -1.97 3.11 15.18
CA ASP A 89 -1.22 4.32 15.03
C ASP A 89 0.27 3.97 15.00
N SER A 90 0.68 2.91 15.72
CA SER A 90 2.06 2.40 15.68
C SER A 90 2.15 0.95 16.04
N ILE A 91 2.98 0.20 15.32
CA ILE A 91 3.24 -1.20 15.64
C ILE A 91 4.65 -1.52 15.23
N ASP A 92 5.17 -2.70 15.59
CA ASP A 92 6.49 -3.15 15.16
C ASP A 92 6.48 -3.20 13.64
N SER A 93 5.61 -4.04 13.07
CA SER A 93 5.50 -4.19 11.62
C SER A 93 4.16 -4.78 11.16
N THR A 94 3.46 -4.10 10.26
CA THR A 94 2.20 -4.62 9.74
C THR A 94 2.43 -6.03 9.21
N GLN A 95 3.61 -6.28 8.61
CA GLN A 95 3.89 -7.58 7.99
C GLN A 95 3.94 -8.64 9.08
N LEU A 96 4.70 -8.36 10.13
CA LEU A 96 4.67 -9.17 11.33
C LEU A 96 3.24 -9.43 11.86
N ALA A 97 2.41 -8.41 11.93
CA ALA A 97 1.10 -8.55 12.49
C ALA A 97 0.23 -9.39 11.55
N ALA A 98 0.26 -9.03 10.28
CA ALA A 98 -0.41 -9.83 9.29
C ALA A 98 0.08 -11.26 9.47
N LYS A 99 1.41 -11.46 9.52
CA LYS A 99 1.83 -12.83 9.66
C LYS A 99 1.19 -13.56 10.83
N LYS A 100 0.93 -12.89 11.95
CA LYS A 100 0.27 -13.52 13.10
C LYS A 100 -1.24 -13.69 12.89
N SER A 101 -1.88 -12.62 12.46
CA SER A 101 -3.33 -12.61 12.27
C SER A 101 -3.89 -13.64 11.29
N LEU A 102 -3.10 -14.07 10.31
CA LEU A 102 -3.55 -15.09 9.32
C LEU A 102 -3.60 -16.52 9.84
N VAL A 103 -2.90 -16.78 10.94
CA VAL A 103 -2.78 -18.14 11.45
C VAL A 103 -4.15 -18.64 11.94
N GLY A 104 -4.53 -19.85 11.49
CA GLY A 104 -5.70 -20.54 12.04
C GLY A 104 -7.08 -20.14 11.53
N ASN A 105 -7.12 -19.47 10.39
CA ASN A 105 -8.33 -18.89 9.88
C ASN A 105 -8.12 -18.70 8.41
N GLN A 106 -9.21 -18.62 7.64
CA GLN A 106 -9.13 -18.34 6.19
C GLN A 106 -9.55 -16.91 5.73
N SER A 107 -9.53 -15.96 6.64
CA SER A 107 -9.92 -14.58 6.33
C SER A 107 -9.08 -13.89 5.26
N SER A 108 -9.59 -12.79 4.75
CA SER A 108 -8.79 -11.96 3.89
C SER A 108 -8.90 -10.61 4.49
N PHE A 109 -7.82 -9.86 4.56
CA PHE A 109 -7.84 -8.63 5.33
C PHE A 109 -6.58 -7.86 5.10
N PHE A 110 -6.54 -6.60 5.53
CA PHE A 110 -5.29 -5.88 5.50
C PHE A 110 -4.97 -5.16 6.82
N ILE A 111 -3.70 -4.80 7.01
CA ILE A 111 -3.28 -4.08 8.20
C ILE A 111 -2.67 -2.71 7.81
N LEU A 112 -2.90 -1.70 8.63
CA LEU A 112 -2.37 -0.39 8.36
C LEU A 112 -1.90 0.19 9.64
N SER A 113 -0.79 0.92 9.59
CA SER A 113 -0.22 1.55 10.78
C SER A 113 0.35 2.88 10.39
N ASP A 114 0.28 3.83 11.30
CA ASP A 114 0.80 5.15 10.97
C ASP A 114 2.31 5.15 10.99
N GLU A 115 2.88 4.48 11.99
CA GLU A 115 4.31 4.27 12.03
C GLU A 115 4.60 2.82 12.29
N GLN A 116 5.71 2.36 11.71
CA GLN A 116 6.23 1.05 12.00
C GLN A 116 7.52 1.32 12.70
N THR A 117 7.68 0.73 13.87
CA THR A 117 8.90 0.91 14.64
C THR A 117 10.00 -0.05 14.18
N LYS A 118 9.60 -1.19 13.60
CA LYS A 118 10.54 -2.23 13.22
C LYS A 118 10.20 -2.83 11.85
N GLY A 119 9.96 -1.95 10.88
CA GLY A 119 9.56 -2.37 9.54
C GLY A 119 10.75 -2.97 8.83
N ARG A 120 10.49 -3.99 8.03
CA ARG A 120 11.55 -4.69 7.34
C ARG A 120 11.15 -4.92 5.91
N GLY A 121 12.13 -4.76 5.03
CA GLY A 121 11.98 -5.15 3.62
C GLY A 121 12.51 -6.54 3.29
N ARG A 122 13.02 -6.65 2.07
CA ARG A 122 13.66 -7.87 1.64
C ARG A 122 14.92 -8.06 2.45
N PHE A 123 15.33 -9.33 2.53
CA PHE A 123 16.54 -9.74 3.23
C PHE A 123 16.60 -9.12 4.60
N ASN A 124 15.43 -8.83 5.18
CA ASN A 124 15.36 -8.43 6.57
C ASN A 124 16.00 -7.02 6.73
N ARG A 125 16.04 -6.27 5.63
CA ARG A 125 16.56 -4.91 5.63
C ARG A 125 15.71 -4.01 6.48
N HIS A 126 16.31 -2.98 7.07
CA HIS A 126 15.52 -1.93 7.74
C HIS A 126 14.74 -1.06 6.74
N TRP A 127 13.43 -0.89 6.97
CA TRP A 127 12.59 -0.03 6.14
C TRP A 127 12.01 1.01 7.00
N SER A 128 12.31 2.24 6.60
CA SER A 128 12.01 3.45 7.38
C SER A 128 10.54 3.89 7.18
N SER A 129 9.76 3.85 8.25
CA SER A 129 8.30 4.02 8.15
C SER A 129 7.77 5.20 8.97
N SER A 130 8.27 6.41 8.73
CA SER A 130 7.97 7.55 9.62
C SER A 130 6.48 7.89 9.84
N LYS A 131 6.13 8.24 11.08
CA LYS A 131 4.72 8.58 11.42
C LYS A 131 4.02 9.60 10.48
N GLY A 132 2.77 9.28 10.15
CA GLY A 132 1.95 10.15 9.32
C GLY A 132 2.50 10.54 7.95
N GLN A 133 3.42 9.77 7.38
CA GLN A 133 4.01 10.21 6.11
C GLN A 133 3.91 9.26 4.95
N GLY A 134 3.62 8.00 5.26
CA GLY A 134 3.45 7.05 4.18
C GLY A 134 2.40 6.01 4.43
N LEU A 135 2.13 5.20 3.44
CA LEU A 135 1.22 4.12 3.62
C LEU A 135 2.01 2.87 3.92
N TRP A 136 1.77 2.30 5.09
CA TRP A 136 2.46 1.07 5.47
C TRP A 136 1.41 0.01 5.76
N MET A 137 1.38 -1.00 4.88
CA MET A 137 0.23 -1.87 4.80
C MET A 137 0.67 -3.27 4.50
N SER A 138 0.05 -4.25 5.14
CA SER A 138 0.19 -5.60 4.64
C SER A 138 -1.19 -6.08 4.22
N VAL A 139 -1.24 -6.76 3.08
CA VAL A 139 -2.46 -7.35 2.58
C VAL A 139 -2.42 -8.88 2.65
N VAL A 140 -3.46 -9.52 3.16
CA VAL A 140 -3.53 -10.98 3.08
C VAL A 140 -4.65 -11.47 2.17
N LEU A 141 -4.32 -12.23 1.14
CA LEU A 141 -5.35 -12.72 0.23
C LEU A 141 -5.24 -14.21 0.24
N ARG A 142 -6.22 -14.89 -0.35
CA ARG A 142 -6.25 -16.32 -0.19
C ARG A 142 -6.45 -17.03 -1.52
N PRO A 143 -5.50 -16.90 -2.44
CA PRO A 143 -5.73 -17.56 -3.72
C PRO A 143 -5.58 -19.03 -3.56
N ASN A 144 -6.47 -19.79 -4.19
CA ASN A 144 -6.27 -21.23 -4.28
C ASN A 144 -5.34 -21.60 -5.43
N VAL A 145 -4.04 -21.80 -5.15
CA VAL A 145 -3.03 -22.06 -6.19
C VAL A 145 -1.81 -22.77 -5.58
N ALA A 146 -0.83 -23.15 -6.41
CA ALA A 146 0.45 -23.78 -5.93
C ALA A 146 1.40 -22.73 -5.43
N PHE A 147 2.37 -23.16 -4.62
CA PHE A 147 3.27 -22.16 -4.07
C PHE A 147 4.14 -21.50 -5.14
N SER A 148 4.50 -22.26 -6.18
CA SER A 148 5.27 -21.75 -7.32
C SER A 148 4.63 -20.51 -7.87
N MET A 149 3.32 -20.41 -7.73
CA MET A 149 2.61 -19.32 -8.33
C MET A 149 2.80 -17.98 -7.64
N ILE A 150 3.67 -17.94 -6.64
CA ILE A 150 3.91 -16.70 -5.93
C ILE A 150 4.40 -15.60 -6.90
N SER A 151 5.60 -15.78 -7.44
CA SER A 151 6.20 -14.87 -8.41
C SER A 151 5.24 -14.18 -9.38
N LYS A 152 4.27 -14.93 -9.88
CA LYS A 152 3.25 -14.40 -10.77
C LYS A 152 2.45 -13.36 -9.99
N PHE A 153 1.97 -13.73 -8.82
CA PHE A 153 1.31 -12.75 -7.96
C PHE A 153 2.14 -11.46 -7.88
N ASN A 154 3.35 -11.56 -7.35
CA ASN A 154 4.20 -10.40 -7.27
C ASN A 154 4.21 -9.53 -8.55
N LEU A 155 4.29 -10.14 -9.74
CA LEU A 155 4.31 -9.33 -10.96
C LEU A 155 2.98 -8.61 -11.14
N PHE A 156 1.86 -9.35 -11.09
CA PHE A 156 0.54 -8.73 -11.28
C PHE A 156 0.30 -7.60 -10.33
N ILE A 157 0.64 -7.83 -9.07
CA ILE A 157 0.31 -6.88 -8.05
C ILE A 157 1.07 -5.57 -8.28
N ALA A 158 2.23 -5.70 -8.93
CA ALA A 158 3.10 -4.55 -9.13
C ALA A 158 2.33 -3.55 -9.97
N LEU A 159 1.77 -4.01 -11.07
CA LEU A 159 1.09 -3.09 -11.95
C LEU A 159 -0.06 -2.44 -11.19
N GLY A 160 -0.70 -3.21 -10.33
CA GLY A 160 -1.76 -2.70 -9.50
C GLY A 160 -1.24 -1.46 -8.80
N ILE A 161 -0.24 -1.65 -7.94
CA ILE A 161 0.31 -0.57 -7.11
C ILE A 161 0.71 0.60 -7.99
N ARG A 162 1.26 0.30 -9.16
CA ARG A 162 1.84 1.35 -9.96
C ARG A 162 0.74 2.25 -10.44
N ASP A 163 -0.31 1.65 -11.03
CA ASP A 163 -1.48 2.39 -11.56
C ASP A 163 -2.05 3.37 -10.51
N ALA A 164 -2.38 2.82 -9.36
CA ALA A 164 -2.70 3.60 -8.17
C ALA A 164 -1.82 4.83 -7.94
N ILE A 165 -0.50 4.66 -7.92
CA ILE A 165 0.43 5.78 -7.69
C ILE A 165 0.34 6.77 -8.85
N GLN A 166 0.54 6.26 -10.07
CA GLN A 166 0.44 7.08 -11.29
C GLN A 166 -0.75 8.02 -11.26
N HIS A 167 -1.94 7.45 -11.11
CA HIS A 167 -3.16 8.22 -11.14
C HIS A 167 -3.11 9.47 -10.23
N PHE A 168 -2.11 9.53 -9.36
CA PHE A 168 -1.87 10.72 -8.55
C PHE A 168 -0.60 11.50 -8.87
N SER A 169 0.14 11.05 -9.88
CA SER A 169 1.40 11.66 -10.19
C SER A 169 1.34 12.43 -11.49
N GLN A 170 1.95 13.61 -11.49
CA GLN A 170 2.11 14.44 -12.70
C GLN A 170 3.11 13.78 -13.63
N ASP A 171 4.11 13.09 -13.04
CA ASP A 171 5.18 12.42 -13.77
C ASP A 171 5.06 10.89 -13.86
N GLU A 172 5.87 10.34 -14.77
CA GLU A 172 5.99 8.92 -15.05
C GLU A 172 6.45 8.05 -13.90
N VAL A 173 5.67 7.01 -13.66
CA VAL A 173 5.79 6.19 -12.48
C VAL A 173 6.12 4.81 -12.99
N LYS A 174 7.30 4.31 -12.66
CA LYS A 174 7.80 3.08 -13.29
C LYS A 174 8.03 1.99 -12.28
N VAL A 175 7.91 0.75 -12.72
CA VAL A 175 8.29 -0.37 -11.90
C VAL A 175 9.73 -0.75 -12.13
N LYS A 176 10.40 -1.10 -11.03
CA LYS A 176 11.74 -1.64 -11.10
C LYS A 176 11.64 -3.04 -10.61
N TRP A 177 11.63 -3.98 -11.54
CA TRP A 177 11.48 -5.38 -11.19
C TRP A 177 12.48 -5.79 -10.12
N PRO A 178 12.04 -6.63 -9.17
CA PRO A 178 10.69 -7.11 -9.09
C PRO A 178 9.89 -6.45 -8.00
N ASN A 179 10.54 -5.62 -7.19
CA ASN A 179 9.98 -5.27 -5.90
C ASN A 179 9.91 -3.77 -5.59
N ASP A 180 10.03 -2.92 -6.59
CA ASP A 180 10.24 -1.51 -6.34
C ASP A 180 9.58 -0.57 -7.36
N ILE A 181 9.02 0.53 -6.86
CA ILE A 181 8.37 1.54 -7.72
C ILE A 181 9.07 2.89 -7.66
N TYR A 182 9.29 3.47 -8.83
CA TYR A 182 10.02 4.72 -8.93
C TYR A 182 9.22 5.81 -9.62
N ILE A 183 9.47 7.05 -9.21
CA ILE A 183 9.02 8.17 -9.99
C ILE A 183 10.27 8.93 -10.40
N ASP A 184 10.59 8.83 -11.70
CA ASP A 184 11.86 9.28 -12.25
C ASP A 184 12.95 8.60 -11.41
N ASN A 185 13.64 9.40 -10.61
CA ASN A 185 14.79 8.88 -9.91
C ASN A 185 14.56 8.51 -8.47
N GLY A 186 13.43 8.90 -7.93
CA GLY A 186 13.13 8.58 -6.54
C GLY A 186 12.36 7.28 -6.42
N LYS A 187 12.82 6.40 -5.53
CA LYS A 187 12.01 5.31 -5.06
C LYS A 187 10.82 5.90 -4.29
N VAL A 188 9.61 5.62 -4.78
CA VAL A 188 8.40 6.10 -4.14
C VAL A 188 7.75 4.99 -3.35
N CYS A 189 8.09 3.75 -3.69
CA CYS A 189 7.50 2.60 -2.98
C CYS A 189 8.33 1.37 -3.12
N GLY A 190 8.23 0.49 -2.13
CA GLY A 190 8.79 -0.84 -2.22
C GLY A 190 7.75 -1.81 -1.67
N PHE A 191 7.70 -3.01 -2.22
CA PHE A 191 6.72 -3.96 -1.81
C PHE A 191 7.36 -5.34 -1.95
N LEU A 192 6.66 -6.36 -1.46
CA LEU A 192 7.26 -7.64 -1.15
C LEU A 192 6.15 -8.69 -1.07
N THR A 193 6.26 -9.80 -1.74
CA THR A 193 5.16 -10.76 -1.63
C THR A 193 5.59 -12.11 -1.05
N GLU A 194 5.07 -12.38 0.15
CA GLU A 194 5.41 -13.60 0.91
C GLU A 194 4.20 -14.53 1.06
N MET A 195 4.48 -15.79 1.37
CA MET A 195 3.41 -16.76 1.47
C MET A 195 3.60 -17.67 2.65
N VAL A 196 2.51 -18.17 3.17
CA VAL A 196 2.58 -19.42 3.92
C VAL A 196 1.99 -20.42 2.96
N ALA A 197 2.66 -21.56 2.81
CA ALA A 197 2.23 -22.62 1.87
C ALA A 197 2.86 -23.94 2.22
N ASN A 198 2.34 -24.98 1.61
CA ASN A 198 3.01 -26.27 1.64
C ASN A 198 2.84 -26.86 0.25
N ASN A 199 3.11 -28.16 0.06
CA ASN A 199 3.12 -28.72 -1.30
C ASN A 199 1.76 -28.68 -1.91
N ASP A 200 0.72 -28.80 -1.09
CA ASP A 200 -0.61 -28.80 -1.62
C ASP A 200 -1.11 -27.40 -2.05
N GLY A 201 -0.33 -26.37 -1.83
CA GLY A 201 -0.78 -25.07 -2.21
C GLY A 201 -0.52 -24.04 -1.15
N ILE A 202 -0.85 -22.81 -1.51
CA ILE A 202 -0.60 -21.64 -0.71
C ILE A 202 -1.71 -21.53 0.34
N GLU A 203 -1.35 -21.19 1.56
CA GLU A 203 -2.35 -21.03 2.60
C GLU A 203 -2.64 -19.57 2.69
N ALA A 204 -1.70 -18.71 2.37
CA ALA A 204 -2.03 -17.30 2.38
C ALA A 204 -1.00 -16.49 1.64
N ILE A 205 -1.37 -15.34 1.13
CA ILE A 205 -0.38 -14.45 0.57
C ILE A 205 -0.31 -13.28 1.50
N ILE A 206 0.89 -12.82 1.78
CA ILE A 206 1.01 -11.64 2.59
C ILE A 206 1.80 -10.66 1.77
N CYS A 207 1.15 -9.59 1.40
CA CYS A 207 1.81 -8.68 0.54
C CYS A 207 2.07 -7.37 1.27
N GLY A 208 3.32 -7.14 1.68
CA GLY A 208 3.67 -5.88 2.30
C GLY A 208 3.96 -4.72 1.34
N ILE A 209 3.42 -3.56 1.66
CA ILE A 209 3.54 -2.42 0.76
C ILE A 209 3.83 -1.12 1.50
N GLY A 210 4.95 -0.48 1.18
CA GLY A 210 5.33 0.79 1.76
C GLY A 210 5.42 1.78 0.64
N ILE A 211 4.68 2.86 0.76
CA ILE A 211 4.63 3.86 -0.28
C ILE A 211 4.78 5.22 0.36
N ASN A 212 5.79 6.01 -0.02
CA ASN A 212 5.90 7.34 0.56
C ASN A 212 4.86 8.26 -0.03
N LEU A 213 4.10 8.86 0.88
CA LEU A 213 2.95 9.66 0.53
C LEU A 213 3.25 11.15 0.61
N THR A 214 3.64 11.62 1.79
CA THR A 214 3.64 13.04 2.09
C THR A 214 4.98 13.49 2.65
N GLN A 215 6.05 13.30 1.88
CA GLN A 215 7.39 13.72 2.32
C GLN A 215 7.89 14.97 1.60
N GLN A 216 8.81 15.68 2.25
CA GLN A 216 9.65 16.67 1.59
C GLN A 216 11.03 16.05 1.57
N LEU A 217 11.82 16.37 0.56
CA LEU A 217 13.21 15.93 0.51
C LEU A 217 13.86 16.21 1.86
N GLU A 218 13.51 17.36 2.43
CA GLU A 218 13.86 17.68 3.79
C GLU A 218 13.63 16.44 4.73
N ASN A 219 12.47 15.79 4.62
CA ASN A 219 12.11 14.67 5.51
C ASN A 219 12.88 13.42 5.25
N PHE A 220 13.41 13.31 4.05
CA PHE A 220 14.20 12.14 3.70
C PHE A 220 15.61 12.24 4.23
N ASP A 221 16.12 11.13 4.76
CA ASP A 221 17.52 11.02 5.19
C ASP A 221 18.45 11.67 4.14
N GLU A 222 19.54 12.31 4.59
CA GLU A 222 20.43 13.02 3.65
C GLU A 222 21.26 12.07 2.76
N SER A 223 21.54 10.87 3.26
CA SER A 223 22.36 9.90 2.50
C SER A 223 21.57 9.06 1.46
N ILE A 224 20.26 9.34 1.30
CA ILE A 224 19.36 8.65 0.32
C ILE A 224 18.46 9.63 -0.45
N ARG A 225 18.53 10.88 -0.03
CA ARG A 225 17.71 12.00 -0.52
C ARG A 225 17.75 12.24 -2.05
N HIS A 226 18.71 11.62 -2.71
CA HIS A 226 18.84 11.75 -4.17
C HIS A 226 18.07 10.65 -4.90
N ARG A 227 17.85 9.53 -4.21
CA ARG A 227 17.09 8.46 -4.81
C ARG A 227 15.75 8.12 -4.11
N ALA A 228 15.26 9.01 -3.27
CA ALA A 228 13.95 8.83 -2.67
C ALA A 228 12.99 9.93 -3.03
N THR A 229 11.72 9.60 -3.16
CA THR A 229 10.70 10.59 -3.40
C THR A 229 9.38 10.19 -2.76
N SER A 230 8.38 11.06 -2.87
CA SER A 230 7.05 10.81 -2.34
C SER A 230 5.97 11.16 -3.37
N ILE A 231 4.78 10.64 -3.18
CA ILE A 231 3.71 10.97 -4.09
C ILE A 231 3.44 12.47 -4.07
N GLN A 232 3.40 13.09 -2.89
CA GLN A 232 3.12 14.54 -2.81
C GLN A 232 4.06 15.39 -3.67
N LEU A 233 5.34 15.02 -3.72
CA LEU A 233 6.32 15.77 -4.52
C LEU A 233 6.09 15.65 -6.01
N HIS A 234 5.03 14.98 -6.42
CA HIS A 234 4.70 14.90 -7.83
C HIS A 234 3.19 15.07 -8.05
N ASP A 235 2.54 15.79 -7.15
CA ASP A 235 1.15 16.15 -7.32
C ASP A 235 1.06 17.58 -6.84
N LYS A 236 0.48 18.45 -7.66
CA LYS A 236 0.39 19.86 -7.27
C LYS A 236 -0.72 20.00 -6.21
N ASN A 237 -1.70 19.09 -6.28
CA ASN A 237 -2.79 18.96 -5.29
C ASN A 237 -2.38 18.17 -4.05
N LYS A 238 -2.82 18.65 -2.89
CA LYS A 238 -2.69 17.91 -1.64
C LYS A 238 -3.13 16.47 -1.84
N LEU A 239 -2.52 15.58 -1.08
CA LEU A 239 -2.70 14.16 -1.30
C LEU A 239 -3.52 13.48 -0.19
N ASP A 240 -4.74 13.13 -0.52
CA ASP A 240 -5.58 12.59 0.49
C ASP A 240 -5.26 11.13 0.73
N ARG A 241 -4.62 10.80 1.84
CA ARG A 241 -4.33 9.38 2.07
C ARG A 241 -5.56 8.48 1.87
N TYR A 242 -6.73 8.96 2.27
CA TYR A 242 -7.93 8.15 2.15
C TYR A 242 -8.40 8.03 0.74
N GLN A 243 -8.24 9.10 -0.04
CA GLN A 243 -8.60 9.05 -1.46
C GLN A 243 -7.64 8.03 -2.07
N PHE A 244 -6.35 8.16 -1.74
CA PHE A 244 -5.34 7.25 -2.27
C PHE A 244 -5.49 5.81 -1.83
N LEU A 245 -5.82 5.61 -0.56
CA LEU A 245 -6.02 4.24 -0.14
C LEU A 245 -7.13 3.66 -1.00
N GLU A 246 -8.14 4.47 -1.25
CA GLU A 246 -9.31 4.01 -1.99
C GLU A 246 -8.92 3.41 -3.36
N ARG A 247 -8.14 4.17 -4.11
CA ARG A 247 -7.74 3.76 -5.43
C ARG A 247 -6.79 2.57 -5.34
N LEU A 248 -5.93 2.57 -4.33
CA LEU A 248 -5.04 1.44 -4.10
C LEU A 248 -5.79 0.09 -3.98
N LEU A 249 -6.87 0.07 -3.19
CA LEU A 249 -7.61 -1.16 -2.99
C LEU A 249 -8.31 -1.53 -4.26
N GLN A 250 -8.73 -0.51 -4.96
CA GLN A 250 -9.42 -0.70 -6.21
C GLN A 250 -8.58 -1.54 -7.18
N GLU A 251 -7.34 -1.12 -7.36
CA GLU A 251 -6.43 -1.71 -8.33
C GLU A 251 -5.85 -3.03 -7.81
N ILE A 252 -5.66 -3.12 -6.49
CA ILE A 252 -5.26 -4.40 -5.92
C ILE A 252 -6.30 -5.40 -6.37
N GLU A 253 -7.57 -5.09 -6.15
CA GLU A 253 -8.60 -6.03 -6.53
C GLU A 253 -8.52 -6.40 -8.01
N LYS A 254 -8.58 -5.38 -8.87
CA LYS A 254 -8.39 -5.56 -10.30
C LYS A 254 -7.28 -6.55 -10.61
N ARG A 255 -6.07 -6.25 -10.14
CA ARG A 255 -4.92 -7.08 -10.48
C ARG A 255 -4.97 -8.43 -9.81
N TYR A 256 -5.62 -8.50 -8.66
CA TYR A 256 -5.74 -9.77 -8.01
C TYR A 256 -6.58 -10.68 -8.90
N ASN A 257 -7.63 -10.10 -9.50
CA ASN A 257 -8.50 -10.94 -10.32
C ASN A 257 -7.82 -11.36 -11.59
N GLN A 258 -7.14 -10.42 -12.22
CA GLN A 258 -6.31 -10.74 -13.35
C GLN A 258 -5.33 -11.87 -13.03
N PHE A 259 -4.69 -11.81 -11.86
CA PHE A 259 -3.71 -12.79 -11.48
C PHE A 259 -4.35 -14.19 -11.53
N LEU A 260 -5.59 -14.26 -11.04
CA LEU A 260 -6.35 -15.50 -10.98
C LEU A 260 -6.85 -15.96 -12.33
N THR A 261 -7.25 -15.04 -13.19
CA THR A 261 -7.91 -15.41 -14.43
C THR A 261 -7.03 -15.36 -15.69
N LEU A 262 -5.86 -14.72 -15.63
CA LEU A 262 -5.01 -14.54 -16.83
C LEU A 262 -3.57 -15.02 -16.65
N PRO A 263 -2.97 -15.59 -17.70
CA PRO A 263 -1.56 -15.98 -17.67
C PRO A 263 -0.64 -14.77 -17.80
N PHE A 264 0.59 -14.87 -17.31
CA PHE A 264 1.46 -13.70 -17.34
C PHE A 264 1.69 -13.07 -18.74
N SER A 265 1.81 -13.92 -19.76
CA SER A 265 1.92 -13.49 -21.17
C SER A 265 0.98 -12.34 -21.50
N GLU A 266 -0.19 -12.38 -20.88
CA GLU A 266 -1.27 -11.42 -21.12
C GLU A 266 -1.01 -10.03 -20.61
N ILE A 267 -0.12 -9.86 -19.62
CA ILE A 267 0.22 -8.51 -19.11
C ILE A 267 1.66 -8.16 -19.32
N ARG A 268 2.46 -9.17 -19.65
CA ARG A 268 3.88 -9.02 -19.94
C ARG A 268 4.26 -7.73 -20.72
N GLU A 269 3.65 -7.51 -21.88
CA GLU A 269 3.90 -6.31 -22.69
C GLU A 269 3.76 -5.06 -21.84
N GLU A 270 2.61 -5.02 -21.18
CA GLU A 270 2.24 -3.90 -20.34
C GLU A 270 3.27 -3.67 -19.24
N TYR A 271 3.65 -4.78 -18.59
CA TYR A 271 4.63 -4.79 -17.48
C TYR A 271 5.89 -4.15 -18.01
N ILE A 272 6.27 -4.63 -19.17
CA ILE A 272 7.39 -4.11 -19.89
C ILE A 272 7.51 -2.58 -20.09
N ALA A 273 6.43 -1.99 -20.59
CA ALA A 273 6.33 -0.57 -20.86
C ALA A 273 6.37 0.19 -19.56
N ALA A 274 5.93 -0.47 -18.50
CA ALA A 274 5.89 0.13 -17.20
C ALA A 274 7.23 0.05 -16.47
N SER A 275 8.12 -0.79 -16.96
CA SER A 275 9.36 -1.02 -16.25
C SER A 275 10.48 -0.02 -16.64
N ASN A 276 11.45 0.15 -15.75
CA ASN A 276 12.47 1.17 -15.96
C ASN A 276 13.91 0.63 -15.97
N ILE A 277 14.05 -0.67 -16.13
CA ILE A 277 15.35 -1.32 -16.04
C ILE A 277 16.08 -1.56 -17.36
N TRP A 278 15.50 -1.12 -18.47
CA TRP A 278 16.12 -1.40 -19.75
C TRP A 278 17.15 -0.35 -20.12
N ASN A 279 18.11 -0.75 -20.95
CA ASN A 279 18.97 0.21 -21.67
C ASN A 279 19.91 0.91 -20.72
N ARG A 280 20.17 0.27 -19.60
CA ARG A 280 21.11 0.81 -18.64
C ARG A 280 21.69 -0.37 -17.91
N THR A 281 22.73 -0.10 -17.14
CA THR A 281 23.51 -1.16 -16.56
C THR A 281 23.09 -1.40 -15.13
N LEU A 282 22.93 -2.64 -14.75
CA LEU A 282 22.37 -2.91 -13.45
C LEU A 282 23.37 -3.61 -12.56
N LEU A 283 23.44 -3.24 -11.28
CA LEU A 283 24.27 -4.00 -10.34
C LEU A 283 23.41 -4.99 -9.55
N PHE A 284 23.60 -6.27 -9.88
CA PHE A 284 22.98 -7.38 -9.18
C PHE A 284 23.78 -7.82 -7.97
N THR A 285 23.11 -8.17 -6.88
CA THR A 285 23.77 -8.87 -5.77
C THR A 285 23.28 -10.30 -5.61
N GLU A 286 24.16 -11.24 -5.27
CA GLU A 286 23.70 -12.59 -4.93
C GLU A 286 24.52 -13.11 -3.80
N ASN A 287 24.12 -12.86 -2.57
CA ASN A 287 24.99 -13.24 -1.47
C ASN A 287 26.30 -12.42 -1.47
N ASP A 288 27.44 -13.12 -1.32
CA ASP A 288 28.81 -12.53 -1.39
C ASP A 288 29.09 -11.87 -2.76
N LYS A 289 28.65 -12.55 -3.83
CA LYS A 289 28.95 -12.20 -5.22
C LYS A 289 28.21 -10.96 -5.66
N GLN A 290 28.89 -10.10 -6.41
CA GLN A 290 28.18 -9.03 -7.13
C GLN A 290 28.74 -8.73 -8.51
N PHE A 291 27.84 -8.41 -9.43
CA PHE A 291 28.18 -8.21 -10.82
C PHE A 291 27.23 -7.28 -11.56
N LYS A 292 27.70 -6.71 -12.66
CA LYS A 292 26.88 -5.87 -13.51
C LYS A 292 26.33 -6.70 -14.68
N GLY A 293 25.44 -6.10 -15.48
CA GLY A 293 24.76 -6.83 -16.54
C GLY A 293 23.62 -5.99 -17.06
N GLN A 294 22.92 -6.53 -18.06
CA GLN A 294 21.86 -5.78 -18.71
C GLN A 294 20.59 -6.59 -18.84
N ALA A 295 19.48 -5.89 -18.76
CA ALA A 295 18.19 -6.52 -18.72
C ALA A 295 17.79 -6.77 -20.15
N ILE A 296 17.74 -8.02 -20.55
CA ILE A 296 17.36 -8.28 -21.93
C ILE A 296 15.84 -8.39 -22.15
N ASP A 297 15.15 -9.17 -21.32
CA ASP A 297 13.73 -9.45 -21.52
C ASP A 297 13.13 -10.12 -20.27
N LEU A 298 11.83 -9.91 -20.06
CA LEU A 298 11.05 -10.69 -19.12
C LEU A 298 10.34 -11.73 -19.94
N ASP A 299 10.54 -13.01 -19.61
CA ASP A 299 9.90 -14.04 -20.40
C ASP A 299 8.43 -14.23 -20.03
N TYR A 300 7.72 -14.94 -20.90
CA TYR A 300 6.30 -15.27 -20.75
C TYR A 300 6.01 -15.85 -19.33
N ASP A 301 7.05 -16.26 -18.61
CA ASP A 301 6.88 -16.88 -17.32
C ASP A 301 7.28 -16.03 -16.14
N GLY A 302 7.46 -14.72 -16.34
CA GLY A 302 7.84 -13.81 -15.26
C GLY A 302 9.33 -13.67 -14.97
N TYR A 303 10.16 -14.53 -15.55
CA TYR A 303 11.62 -14.52 -15.35
C TYR A 303 12.32 -13.45 -16.17
N LEU A 304 13.31 -12.80 -15.57
CA LEU A 304 14.09 -11.80 -16.26
C LEU A 304 15.29 -12.41 -16.98
N ILE A 305 15.44 -12.06 -18.26
CA ILE A 305 16.58 -12.53 -19.03
C ILE A 305 17.69 -11.50 -18.85
N VAL A 306 18.76 -11.91 -18.20
CA VAL A 306 19.87 -11.00 -18.02
C VAL A 306 21.10 -11.49 -18.76
N ARG A 307 21.82 -10.54 -19.36
CA ARG A 307 23.12 -10.81 -19.96
C ARG A 307 24.22 -10.13 -19.14
N ASP A 308 24.96 -10.92 -18.36
CA ASP A 308 25.95 -10.33 -17.46
C ASP A 308 27.11 -9.67 -18.21
N GLU A 309 27.86 -8.83 -17.50
CA GLU A 309 28.87 -7.96 -18.11
C GLU A 309 29.86 -8.77 -18.93
N ALA A 310 29.98 -10.06 -18.58
CA ALA A 310 30.84 -11.01 -19.28
C ALA A 310 30.17 -11.79 -20.44
N GLY A 311 28.99 -11.35 -20.88
CA GLY A 311 28.31 -11.90 -22.06
C GLY A 311 27.42 -13.11 -21.86
N GLU A 312 27.36 -13.62 -20.63
CA GLU A 312 26.57 -14.81 -20.28
C GLU A 312 25.13 -14.44 -19.96
N SER A 313 24.19 -15.19 -20.55
CA SER A 313 22.77 -15.04 -20.25
C SER A 313 22.38 -15.77 -18.97
N HIS A 314 21.64 -15.08 -18.10
CA HIS A 314 20.92 -15.77 -17.04
C HIS A 314 19.41 -15.51 -17.18
N ARG A 315 18.64 -16.49 -16.71
CA ARG A 315 17.18 -16.40 -16.62
C ARG A 315 16.92 -16.39 -15.14
N LEU A 316 16.27 -15.36 -14.63
CA LEU A 316 16.20 -15.17 -13.18
C LEU A 316 14.82 -14.96 -12.70
N ILE A 317 14.49 -15.62 -11.61
CA ILE A 317 13.17 -15.46 -11.06
C ILE A 317 13.02 -14.22 -10.18
N SER A 318 14.12 -13.78 -9.58
CA SER A 318 14.20 -12.64 -8.67
C SER A 318 15.64 -12.19 -8.74
N ALA A 319 15.95 -11.07 -8.11
CA ALA A 319 17.34 -10.55 -8.05
C ALA A 319 17.28 -9.26 -7.26
N ASP A 320 18.31 -8.86 -6.51
CA ASP A 320 18.22 -7.41 -6.17
C ASP A 320 19.13 -6.50 -6.94
N ILE A 321 18.45 -5.65 -7.69
CA ILE A 321 19.05 -4.80 -8.67
C ILE A 321 19.29 -3.39 -8.14
N ASP A 322 20.44 -2.82 -8.46
CA ASP A 322 20.72 -1.43 -8.13
C ASP A 322 21.15 -0.67 -9.35
N PHE A 323 20.93 0.64 -9.34
CA PHE A 323 21.12 1.45 -10.53
C PHE A 323 22.54 2.05 -10.69
CAA 36F B . 11.68 4.61 3.50
OAB 36F B . 7.60 -4.43 7.59
OAC 36F B . 17.39 1.73 -0.09
CAD 36F B . 13.17 5.32 1.61
CAE 36F B . 14.23 5.15 0.71
CAF 36F B . 13.67 3.14 2.56
CAG 36F B . 12.75 -2.77 -1.09
CAH 36F B . 9.41 -4.09 1.43
CAI 36F B . 9.79 -3.65 -0.01
CAJ 36F B . 7.97 -3.74 1.76
CAK 36F B . 15.72 -0.97 0.19
CAL 36F B . 14.96 -0.33 1.36
CAM 36F B . 10.90 -4.48 -0.69
CAN 36F B . 7.90 -2.79 2.96
CAO 36F B . 14.81 -1.45 -0.97
CAP 36F B . 15.80 0.70 2.09
CAQ 36F B . 4.64 -2.18 5.25
NAR 36F B . 13.19 -4.18 0.45
NAS 36F B . 14.14 -3.39 0.34
NAT 36F B . 5.57 -3.93 6.71
NAU 36F B . 7.36 -4.22 5.36
OAV 36F B . 16.08 3.61 -0.05
SAW 36F B . 6.13 -1.40 4.58
CAX 36F B . 6.89 -4.21 6.61
CAY 36F B . 12.88 4.32 2.55
CAZ 36F B . 12.27 -3.83 -0.44
CBA 36F B . 16.45 2.38 0.39
CBB 36F B . 15.02 3.97 0.72
CBC 36F B . 14.74 2.95 1.65
CBD 36F B . 6.48 -2.78 3.49
NBE 36F B . 13.92 -2.56 -0.55
NBF 36F B . 15.66 2.00 1.39
CBG 36F B . 5.02 -3.68 5.37
CBH 36F B . 6.23 -3.97 4.44
#